data_4S05
#
_entry.id   4S05
#
_cell.length_a   162.640
_cell.length_b   162.640
_cell.length_c   131.707
_cell.angle_alpha   90.00
_cell.angle_beta   90.00
_cell.angle_gamma   120.00
#
_symmetry.space_group_name_H-M   'P 31 2 1'
#
loop_
_entity.id
_entity.type
_entity.pdbx_description
1 polymer 'DNA-binding transcriptional regulator BasR'
2 polymer 'DNA (26-MER)'
3 polymer 'DNA (26-MER)'
4 non-polymer 'BERYLLIUM TRIFLUORIDE ION'
5 non-polymer 'MAGNESIUM ION'
#
loop_
_entity_poly.entity_id
_entity_poly.type
_entity_poly.pdbx_seq_one_letter_code
_entity_poly.pdbx_strand_id
1 'polypeptide(L)'
;MKILVIEDDALLLQGLILAMQSEGYVCDGVSTAHEAALSLASNHYSLIVLDLGLPDEDGLHFLSRMRREKMTQPVLILTA
RDTLEDRISGLDTGADDYLVKPFALEELNARIRALLRRHNNQGDNEISVGNLRLNVTRRLVWLGETALDLTPKEYALLSR
LMMKAGSPVHREILYNDIYSGDNEPATNTLEVHIHNLREKIGKSRIRTVRGFGYMLANNDDTEHLEHHHHHH
;
A,B
2 'polydeoxyribonucleotide'
;(DA)(DT)(DT)(DT)(DC)(DT)(DT)(DA)(DA)(DT)(DA)(DT)(DT)(DA)(DT)(DC)(DC)(DT)(DA)(DA)
(DG)(DC)(DA)(DA)(DG)(DG)
;
C
3 'polydeoxyribonucleotide'
;(DC)(DT)(DT)(DG)(DC)(DT)(DT)(DA)(DG)(DG)(DA)(DT)(DA)(DA)(DT)(DA)(DT)(DT)(DA)(DA)
(DG)(DA)(DA)(DA)(DT)(DC)
;
D
#
loop_
_chem_comp.id
_chem_comp.type
_chem_comp.name
_chem_comp.formula
BEF non-polymer 'BERYLLIUM TRIFLUORIDE ION' 'Be F3 -1'
DA DNA linking 2'-DEOXYADENOSINE-5'-MONOPHOSPHATE 'C10 H14 N5 O6 P'
DC DNA linking 2'-DEOXYCYTIDINE-5'-MONOPHOSPHATE 'C9 H14 N3 O7 P'
DG DNA linking 2'-DEOXYGUANOSINE-5'-MONOPHOSPHATE 'C10 H14 N5 O7 P'
DT DNA linking THYMIDINE-5'-MONOPHOSPHATE 'C10 H15 N2 O8 P'
MG non-polymer 'MAGNESIUM ION' 'Mg 2'
#
# COMPACT_ATOMS: atom_id res chain seq x y z
N MET A 1 7.72 4.14 4.24
CA MET A 1 8.69 3.11 4.65
C MET A 1 9.26 3.39 6.05
N LYS A 2 8.33 3.70 6.97
CA LYS A 2 8.60 3.81 8.39
C LYS A 2 7.60 2.95 9.13
N ILE A 3 8.16 1.90 9.75
CA ILE A 3 7.45 0.88 10.52
C ILE A 3 7.11 1.33 11.94
N LEU A 4 5.99 0.88 12.51
CA LEU A 4 5.82 1.00 13.95
C LEU A 4 5.94 -0.41 14.49
N VAL A 5 6.68 -0.58 15.58
CA VAL A 5 6.80 -1.89 16.19
C VAL A 5 6.19 -1.81 17.57
N ILE A 6 5.20 -2.66 17.82
CA ILE A 6 4.53 -2.66 19.11
C ILE A 6 4.87 -3.93 19.86
N GLU A 7 5.45 -3.76 21.04
CA GLU A 7 5.80 -4.88 21.90
C GLU A 7 5.86 -4.43 23.34
N ASP A 8 5.73 -5.39 24.25
CA ASP A 8 5.88 -5.09 25.69
C ASP A 8 7.03 -5.82 26.39
N ASP A 9 7.77 -6.65 25.65
CA ASP A 9 9.02 -7.21 26.19
C ASP A 9 10.13 -6.25 25.83
N ALA A 10 10.73 -5.67 26.84
CA ALA A 10 11.69 -4.60 26.66
C ALA A 10 12.85 -4.97 25.75
N LEU A 11 13.62 -5.96 26.19
CA LEU A 11 14.86 -6.37 25.54
C LEU A 11 14.58 -6.60 24.07
N LEU A 12 13.61 -7.50 23.83
CA LEU A 12 13.12 -7.82 22.50
C LEU A 12 12.76 -6.57 21.72
N LEU A 13 12.04 -5.63 22.36
CA LEU A 13 11.56 -4.44 21.66
C LEU A 13 12.69 -3.63 21.10
N GLN A 14 13.66 -3.33 21.95
CA GLN A 14 14.78 -2.54 21.50
C GLN A 14 15.45 -3.30 20.35
N GLY A 15 15.62 -4.61 20.53
CA GLY A 15 16.22 -5.42 19.47
C GLY A 15 15.53 -5.35 18.11
N LEU A 16 14.20 -5.45 18.13
CA LEU A 16 13.40 -5.41 16.92
C LEU A 16 13.64 -4.08 16.27
N ILE A 17 13.47 -3.01 17.05
CA ILE A 17 13.60 -1.65 16.55
C ILE A 17 14.92 -1.46 15.83
N LEU A 18 15.99 -1.84 16.53
CA LEU A 18 17.34 -1.69 15.99
C LEU A 18 17.53 -2.55 14.76
N ALA A 19 16.77 -3.64 14.68
CA ALA A 19 16.87 -4.55 13.53
C ALA A 19 16.17 -3.96 12.30
N MET A 20 14.95 -3.45 12.52
CA MET A 20 14.16 -2.80 11.48
C MET A 20 14.93 -1.63 10.89
N GLN A 21 15.53 -0.84 11.77
CA GLN A 21 16.45 0.19 11.31
C GLN A 21 17.56 -0.47 10.48
N SER A 22 18.12 -1.55 11.01
CA SER A 22 19.24 -2.24 10.36
C SER A 22 18.97 -2.67 8.91
N GLU A 23 17.69 -2.86 8.58
CA GLU A 23 17.35 -3.17 7.19
C GLU A 23 17.22 -1.94 6.30
N GLY A 24 17.11 -0.76 6.90
CA GLY A 24 16.94 0.44 6.12
C GLY A 24 15.56 1.06 6.23
N TYR A 25 14.72 0.46 7.07
CA TYR A 25 13.47 1.10 7.39
C TYR A 25 13.75 2.14 8.47
N VAL A 26 12.71 2.86 8.86
CA VAL A 26 12.78 3.76 9.99
C VAL A 26 11.68 3.32 10.94
N CYS A 27 11.94 3.34 12.24
CA CYS A 27 10.95 2.77 13.13
C CYS A 27 10.69 3.53 14.42
N ASP A 28 9.45 3.46 14.90
CA ASP A 28 9.07 3.92 16.23
C ASP A 28 8.64 2.68 16.99
N GLY A 29 9.40 2.25 17.99
CA GLY A 29 8.91 1.16 18.84
C GLY A 29 8.04 1.70 19.97
N VAL A 30 6.97 1.01 20.36
CA VAL A 30 6.23 1.43 21.54
C VAL A 30 6.05 0.24 22.47
N SER A 31 5.66 0.47 23.72
CA SER A 31 5.44 -0.64 24.62
C SER A 31 4.01 -1.02 24.87
N THR A 32 3.04 -0.26 24.37
CA THR A 32 1.65 -0.54 24.72
C THR A 32 0.59 -0.03 23.74
N ALA A 33 -0.67 -0.33 24.06
CA ALA A 33 -1.76 -0.08 23.13
C ALA A 33 -2.05 1.41 22.99
N HIS A 34 -2.05 2.13 24.12
CA HIS A 34 -2.29 3.57 24.11
C HIS A 34 -1.19 4.32 23.38
N GLU A 35 0.06 3.97 23.69
CA GLU A 35 1.22 4.54 23.03
C GLU A 35 1.11 4.29 21.52
N ALA A 36 0.81 3.04 21.18
CA ALA A 36 0.62 2.61 19.81
C ALA A 36 -0.43 3.47 19.13
N ALA A 37 -1.56 3.65 19.81
CA ALA A 37 -2.71 4.35 19.26
C ALA A 37 -2.37 5.82 18.98
N LEU A 38 -1.86 6.49 19.99
CA LEU A 38 -1.49 7.88 19.83
C LEU A 38 -0.48 8.02 18.68
N SER A 39 0.40 7.03 18.58
CA SER A 39 1.44 7.02 17.55
C SER A 39 0.88 6.81 16.16
N LEU A 40 -0.29 6.18 16.11
CA LEU A 40 -1.04 6.08 14.87
C LEU A 40 -1.60 7.44 14.49
N ALA A 41 -2.26 8.08 15.46
CA ALA A 41 -2.82 9.41 15.21
C ALA A 41 -1.78 10.38 14.63
N SER A 42 -0.64 10.53 15.31
CA SER A 42 0.35 11.53 14.88
C SER A 42 1.06 11.23 13.54
N ASN A 43 1.66 10.06 13.43
CA ASN A 43 2.50 9.74 12.26
C ASN A 43 1.79 8.90 11.20
N HIS A 44 2.48 8.60 10.11
CA HIS A 44 1.92 7.81 9.01
C HIS A 44 2.83 6.60 8.70
N TYR A 45 2.34 5.39 8.97
CA TYR A 45 3.17 4.18 8.86
C TYR A 45 2.92 3.29 7.63
N SER A 46 4.02 2.88 7.00
CA SER A 46 4.00 1.95 5.88
C SER A 46 3.63 0.52 6.32
N LEU A 47 4.07 0.13 7.51
CA LEU A 47 3.69 -1.17 8.11
C LEU A 47 3.76 -1.14 9.62
N ILE A 48 2.90 -1.88 10.29
CA ILE A 48 2.96 -1.96 11.72
C ILE A 48 3.26 -3.40 12.06
N VAL A 49 3.70 -3.68 13.27
CA VAL A 49 3.96 -5.05 13.71
C VAL A 49 3.30 -5.10 15.07
N LEU A 50 2.69 -6.21 15.45
CA LEU A 50 1.87 -6.24 16.68
C LEU A 50 2.14 -7.43 17.61
N ASP A 51 1.80 -7.27 18.89
CA ASP A 51 2.06 -8.34 19.85
C ASP A 51 0.72 -8.42 20.51
N LEU A 52 0.31 -9.60 20.94
CA LEU A 52 -0.98 -9.65 21.57
C LEU A 52 -0.83 -9.57 23.08
N GLY A 53 0.39 -9.76 23.55
CA GLY A 53 0.64 -9.98 24.97
C GLY A 53 0.89 -8.72 25.78
N LEU A 54 0.37 -7.59 25.29
CA LEU A 54 0.51 -6.28 25.93
C LEU A 54 -0.27 -6.17 27.24
N PRO A 55 0.29 -5.46 28.23
CA PRO A 55 -0.22 -5.23 29.59
C PRO A 55 -1.38 -4.24 29.63
N ASP A 56 -1.43 -3.48 28.55
CA ASP A 56 -2.34 -2.37 28.38
C ASP A 56 -3.74 -2.86 28.12
N GLU A 57 -3.88 -3.38 26.90
CA GLU A 57 -5.11 -3.81 26.26
C GLU A 57 -4.62 -4.94 25.33
N ASP A 58 -5.47 -5.90 24.98
CA ASP A 58 -4.99 -7.00 24.15
C ASP A 58 -4.84 -6.69 22.67
N GLY A 59 -3.70 -7.06 22.09
CA GLY A 59 -3.27 -6.56 20.80
C GLY A 59 -4.37 -6.62 19.79
N LEU A 60 -5.16 -7.70 19.89
CA LEU A 60 -6.31 -7.93 19.02
C LEU A 60 -7.36 -6.86 19.19
N HIS A 61 -7.66 -6.51 20.44
CA HIS A 61 -8.73 -5.57 20.73
C HIS A 61 -8.43 -4.30 19.97
N PHE A 62 -7.17 -3.89 20.09
CA PHE A 62 -6.68 -2.73 19.39
C PHE A 62 -6.77 -2.95 17.89
N LEU A 63 -6.54 -4.18 17.44
CA LEU A 63 -6.58 -4.43 16.00
C LEU A 63 -8.01 -4.38 15.44
N SER A 64 -8.96 -4.71 16.31
CA SER A 64 -10.36 -4.66 15.97
C SER A 64 -10.75 -3.21 15.82
N ARG A 65 -10.36 -2.38 16.79
CA ARG A 65 -10.70 -0.95 16.71
C ARG A 65 -10.02 -0.26 15.55
N MET A 66 -8.72 -0.53 15.42
CA MET A 66 -7.89 -0.02 14.34
C MET A 66 -8.59 -0.30 13.03
N ARG A 67 -8.71 -1.59 12.70
CA ARG A 67 -9.24 -1.99 11.41
C ARG A 67 -10.74 -1.73 11.27
N ARG A 68 -11.45 -1.52 12.39
CA ARG A 68 -12.86 -1.13 12.34
C ARG A 68 -13.05 0.36 12.17
N GLU A 69 -12.03 1.12 12.52
CA GLU A 69 -12.09 2.56 12.33
C GLU A 69 -11.57 2.84 10.94
N LYS A 70 -11.44 1.77 10.16
CA LYS A 70 -11.03 1.87 8.76
C LYS A 70 -9.60 2.36 8.69
N MET A 71 -8.78 1.76 9.54
CA MET A 71 -7.35 1.92 9.39
C MET A 71 -6.92 0.77 8.50
N THR A 72 -6.54 1.13 7.29
CA THR A 72 -6.28 0.19 6.22
C THR A 72 -4.82 -0.27 6.22
N GLN A 73 -4.11 0.13 7.27
CA GLN A 73 -2.69 -0.19 7.40
C GLN A 73 -2.45 -1.70 7.54
N PRO A 74 -1.42 -2.19 6.83
CA PRO A 74 -0.98 -3.59 6.90
C PRO A 74 -0.35 -3.92 8.23
N VAL A 75 -0.87 -4.93 8.90
CA VAL A 75 -0.53 -5.24 10.26
C VAL A 75 0.26 -6.48 10.04
N LEU A 76 1.10 -6.90 10.97
CA LEU A 76 1.60 -8.26 10.93
C LEU A 76 1.65 -8.68 12.35
N ILE A 77 0.83 -9.59 12.85
CA ILE A 77 1.00 -9.91 14.26
C ILE A 77 2.35 -10.63 14.41
N LEU A 78 2.92 -10.62 15.59
CA LEU A 78 3.94 -11.55 15.91
C LEU A 78 3.70 -11.86 17.36
N THR A 79 3.36 -13.08 17.72
CA THR A 79 3.11 -13.28 19.13
C THR A 79 3.62 -14.59 19.69
N ALA A 80 3.50 -14.73 21.00
CA ALA A 80 3.94 -15.91 21.70
C ALA A 80 2.75 -16.83 21.90
N ARG A 81 1.63 -16.46 21.29
CA ARG A 81 0.43 -17.27 21.36
C ARG A 81 0.24 -18.06 20.04
N ASP A 82 0.58 -19.35 20.11
CA ASP A 82 0.82 -20.20 18.94
C ASP A 82 -0.33 -21.10 18.50
N THR A 83 -1.35 -21.22 19.33
CA THR A 83 -2.43 -22.17 19.07
C THR A 83 -3.08 -21.88 17.72
N LEU A 84 -3.55 -22.91 17.03
CA LEU A 84 -4.22 -22.66 15.77
C LEU A 84 -5.47 -21.80 15.97
N GLU A 85 -6.15 -21.96 17.10
CA GLU A 85 -7.31 -21.12 17.38
C GLU A 85 -6.85 -19.66 17.42
N ASP A 86 -5.68 -19.44 18.01
CA ASP A 86 -5.05 -18.11 18.07
C ASP A 86 -4.76 -17.47 16.71
N ARG A 87 -4.20 -18.25 15.79
CA ARG A 87 -3.73 -17.66 14.53
C ARG A 87 -4.89 -17.45 13.59
N ILE A 88 -5.86 -18.33 13.66
CA ILE A 88 -6.99 -18.16 12.78
C ILE A 88 -7.80 -16.98 13.31
N SER A 89 -7.95 -16.91 14.63
CA SER A 89 -8.68 -15.82 15.23
C SER A 89 -8.00 -14.49 15.03
N GLY A 90 -6.67 -14.52 14.97
CA GLY A 90 -5.91 -13.30 14.77
C GLY A 90 -6.06 -12.82 13.34
N LEU A 91 -5.99 -13.76 12.42
CA LEU A 91 -6.02 -13.42 11.02
C LEU A 91 -7.37 -12.90 10.58
N ASP A 92 -8.42 -13.41 11.20
CA ASP A 92 -9.79 -13.07 10.82
C ASP A 92 -10.15 -11.70 11.36
N THR A 93 -9.34 -11.23 12.29
CA THR A 93 -9.59 -10.00 13.06
C THR A 93 -9.50 -8.62 12.37
N GLY A 94 -8.48 -8.34 11.56
CA GLY A 94 -7.47 -9.29 11.16
C GLY A 94 -6.19 -8.71 10.58
N ALA A 95 -5.19 -9.57 10.57
CA ALA A 95 -3.82 -9.19 10.33
C ALA A 95 -3.45 -9.70 8.98
N ASP A 96 -2.48 -9.09 8.34
CA ASP A 96 -2.12 -9.52 7.01
C ASP A 96 -1.04 -10.58 7.00
N ASP A 97 -0.66 -11.02 8.18
CA ASP A 97 0.15 -12.21 8.32
C ASP A 97 0.14 -12.48 9.80
N TYR A 98 0.82 -13.53 10.24
CA TYR A 98 0.94 -13.81 11.67
C TYR A 98 2.19 -14.66 11.68
N LEU A 99 2.96 -14.58 12.74
CA LEU A 99 4.21 -15.32 12.83
C LEU A 99 4.40 -15.59 14.29
N VAL A 100 4.89 -16.75 14.65
CA VAL A 100 4.87 -17.09 16.05
C VAL A 100 6.26 -16.96 16.67
N LYS A 101 6.28 -16.71 17.97
CA LYS A 101 7.50 -16.65 18.73
C LYS A 101 7.80 -17.99 19.38
N PRO A 102 9.03 -18.48 19.25
CA PRO A 102 10.17 -17.75 18.66
C PRO A 102 10.24 -17.79 17.14
N PHE A 103 11.33 -17.27 16.60
CA PHE A 103 11.45 -17.05 15.16
C PHE A 103 12.83 -16.47 14.84
N ALA A 104 13.21 -16.55 13.56
CA ALA A 104 14.41 -15.88 13.09
C ALA A 104 14.01 -14.51 12.60
N LEU A 105 14.78 -13.50 13.01
CA LEU A 105 14.55 -12.14 12.56
C LEU A 105 14.58 -12.14 11.05
N GLU A 106 15.20 -13.17 10.48
CA GLU A 106 15.27 -13.29 9.04
C GLU A 106 13.92 -13.65 8.41
N GLU A 107 13.13 -14.51 9.06
CA GLU A 107 11.80 -14.80 8.53
C GLU A 107 11.00 -13.52 8.62
N LEU A 108 11.22 -12.76 9.67
CA LEU A 108 10.48 -11.53 9.88
C LEU A 108 10.80 -10.47 8.82
N ASN A 109 12.08 -10.35 8.50
CA ASN A 109 12.54 -9.45 7.43
C ASN A 109 11.93 -9.89 6.11
N ALA A 110 11.82 -11.20 5.93
CA ALA A 110 11.32 -11.75 4.68
C ALA A 110 9.82 -11.51 4.50
N ARG A 111 9.07 -11.78 5.56
CA ARG A 111 7.61 -11.62 5.53
C ARG A 111 7.23 -10.14 5.41
N ILE A 112 8.01 -9.28 6.07
CA ILE A 112 7.76 -7.84 5.96
C ILE A 112 8.11 -7.32 4.55
N ARG A 113 9.32 -7.65 4.08
CA ARG A 113 9.78 -7.30 2.74
C ARG A 113 8.71 -7.67 1.71
N ALA A 114 8.15 -8.86 1.90
CA ALA A 114 7.09 -9.34 1.05
C ALA A 114 5.81 -8.54 1.20
N LEU A 115 5.38 -8.33 2.44
CA LEU A 115 4.10 -7.71 2.72
C LEU A 115 4.02 -6.32 2.10
N LEU A 116 5.18 -5.67 2.09
CA LEU A 116 5.30 -4.32 1.55
C LEU A 116 5.40 -4.36 0.03
N ARG A 117 6.06 -5.41 -0.47
CA ARG A 117 6.10 -5.64 -1.91
C ARG A 117 4.65 -5.68 -2.39
N ARG A 118 3.78 -6.25 -1.57
CA ARG A 118 2.36 -6.33 -1.88
C ARG A 118 1.67 -4.99 -1.75
N HIS A 119 1.76 -4.37 -0.57
CA HIS A 119 0.98 -3.16 -0.33
C HIS A 119 1.30 -2.03 -1.29
N ASN A 120 2.49 -1.45 -1.14
CA ASN A 120 2.86 -0.20 -1.83
C ASN A 120 2.74 -0.25 -3.37
N ASN A 121 3.62 -0.99 -4.03
CA ASN A 121 3.41 -1.27 -5.43
C ASN A 121 2.77 -2.64 -5.50
N GLN A 122 2.40 -3.09 -6.70
CA GLN A 122 1.73 -4.38 -6.84
C GLN A 122 2.73 -5.40 -7.31
N GLY A 123 2.58 -6.62 -6.80
CA GLY A 123 3.48 -7.69 -7.19
C GLY A 123 4.90 -7.39 -6.79
N ASP A 124 5.78 -7.34 -7.79
CA ASP A 124 7.21 -7.43 -7.58
C ASP A 124 7.92 -6.15 -7.97
N ASN A 125 9.13 -6.01 -7.45
CA ASN A 125 10.15 -5.14 -8.02
C ASN A 125 10.51 -5.70 -9.40
N GLU A 126 11.07 -4.89 -10.28
CA GLU A 126 11.42 -3.51 -10.00
C GLU A 126 10.29 -2.60 -10.42
N ILE A 127 10.07 -1.54 -9.66
CA ILE A 127 9.21 -0.48 -10.16
C ILE A 127 10.05 0.29 -11.16
N SER A 128 9.55 0.45 -12.38
CA SER A 128 10.28 1.23 -13.36
C SER A 128 9.44 2.36 -13.96
N VAL A 129 9.86 3.59 -13.69
CA VAL A 129 9.20 4.79 -14.19
C VAL A 129 10.19 5.51 -15.10
N GLY A 130 9.76 5.84 -16.31
CA GLY A 130 10.68 6.33 -17.31
C GLY A 130 11.79 5.31 -17.52
N ASN A 131 13.04 5.76 -17.38
CA ASN A 131 14.19 4.87 -17.49
C ASN A 131 14.73 4.37 -16.15
N LEU A 132 14.07 4.76 -15.06
CA LEU A 132 14.56 4.44 -13.72
C LEU A 132 14.16 3.05 -13.25
N ARG A 133 15.16 2.24 -12.91
CA ARG A 133 14.90 0.91 -12.37
C ARG A 133 15.11 0.91 -10.85
N LEU A 134 14.01 0.80 -10.11
CA LEU A 134 14.07 0.80 -8.66
C LEU A 134 13.79 -0.61 -8.14
N ASN A 135 14.79 -1.20 -7.48
CA ASN A 135 14.66 -2.54 -6.90
C ASN A 135 14.55 -2.50 -5.39
N VAL A 136 13.36 -2.84 -4.89
CA VAL A 136 13.04 -2.77 -3.46
C VAL A 136 14.01 -3.59 -2.58
N THR A 137 14.28 -4.82 -2.99
CA THR A 137 15.14 -5.72 -2.21
C THR A 137 16.63 -5.37 -2.31
N ARG A 138 17.06 -4.85 -3.45
CA ARG A 138 18.47 -4.57 -3.69
C ARG A 138 18.91 -3.16 -3.29
N ARG A 139 17.95 -2.35 -2.85
CA ARG A 139 18.22 -1.00 -2.35
C ARG A 139 18.94 -0.10 -3.37
N LEU A 140 18.81 -0.41 -4.64
CA LEU A 140 19.54 0.31 -5.69
C LEU A 140 18.61 0.93 -6.73
N VAL A 141 18.83 2.20 -7.03
CA VAL A 141 18.16 2.84 -8.17
C VAL A 141 19.12 2.99 -9.33
N TRP A 142 18.59 2.77 -10.54
CA TRP A 142 19.37 2.90 -11.76
C TRP A 142 18.75 3.96 -12.65
N LEU A 143 19.55 4.93 -13.09
CA LEU A 143 19.09 5.85 -14.13
C LEU A 143 19.55 5.33 -15.50
N GLY A 144 18.60 4.85 -16.29
CA GLY A 144 18.91 4.27 -17.59
C GLY A 144 19.92 3.15 -17.49
N GLU A 145 21.00 3.27 -18.24
CA GLU A 145 22.05 2.25 -18.28
C GLU A 145 22.84 2.15 -16.98
N THR A 146 23.00 3.27 -16.29
CA THR A 146 23.88 3.37 -15.12
C THR A 146 23.14 3.22 -13.78
N ALA A 147 23.89 3.32 -12.69
CA ALA A 147 23.31 3.36 -11.34
C ALA A 147 23.38 4.78 -10.79
N LEU A 148 22.96 4.95 -9.54
CA LEU A 148 23.06 6.25 -8.87
C LEU A 148 23.73 6.06 -7.52
N ASP A 149 24.52 7.04 -7.09
CA ASP A 149 25.01 6.99 -5.73
C ASP A 149 23.95 7.76 -4.97
N LEU A 150 23.14 7.03 -4.22
CA LEU A 150 22.02 7.62 -3.52
C LEU A 150 22.21 7.46 -2.03
N THR A 151 22.27 8.59 -1.35
CA THR A 151 22.26 8.62 0.09
C THR A 151 20.97 7.93 0.56
N PRO A 152 20.97 7.39 1.81
CA PRO A 152 19.81 6.70 2.34
C PRO A 152 18.50 7.48 2.22
N LYS A 153 18.53 8.75 2.61
CA LYS A 153 17.32 9.56 2.53
C LYS A 153 16.92 9.79 1.07
N GLU A 154 17.92 9.95 0.20
CA GLU A 154 17.69 10.06 -1.24
C GLU A 154 16.96 8.83 -1.78
N TYR A 155 17.52 7.64 -1.52
CA TYR A 155 16.90 6.40 -1.95
C TYR A 155 15.47 6.24 -1.41
N ALA A 156 15.26 6.58 -0.14
CA ALA A 156 13.93 6.41 0.45
C ALA A 156 12.92 7.35 -0.19
N LEU A 157 13.34 8.59 -0.42
CA LEU A 157 12.48 9.61 -1.01
C LEU A 157 12.10 9.25 -2.44
N LEU A 158 13.10 8.96 -3.26
CA LEU A 158 12.86 8.50 -4.63
C LEU A 158 12.03 7.21 -4.66
N SER A 159 12.18 6.37 -3.64
CA SER A 159 11.41 5.14 -3.52
C SER A 159 9.93 5.45 -3.37
N ARG A 160 9.59 6.23 -2.34
CA ARG A 160 8.19 6.60 -2.09
C ARG A 160 7.62 7.43 -3.26
N LEU A 161 8.50 8.09 -4.00
CA LEU A 161 8.07 8.86 -5.15
C LEU A 161 7.77 7.99 -6.35
N MET A 162 8.53 6.91 -6.53
CA MET A 162 8.30 6.00 -7.65
C MET A 162 7.13 5.05 -7.38
N MET A 163 6.94 4.69 -6.10
CA MET A 163 5.80 3.87 -5.66
C MET A 163 4.45 4.50 -6.04
N LYS A 164 4.36 5.80 -5.77
CA LYS A 164 3.19 6.63 -6.07
C LYS A 164 3.30 7.38 -7.40
N ALA A 165 4.32 7.04 -8.20
CA ALA A 165 4.66 7.80 -9.41
C ALA A 165 3.46 8.06 -10.31
N GLY A 166 3.38 9.28 -10.84
CA GLY A 166 2.22 9.70 -11.61
C GLY A 166 1.19 10.40 -10.75
N SER A 167 1.33 10.25 -9.43
CA SER A 167 0.45 10.94 -8.49
C SER A 167 1.27 11.77 -7.50
N PRO A 168 0.79 12.98 -7.19
CA PRO A 168 1.45 13.83 -6.18
C PRO A 168 1.32 13.25 -4.78
N VAL A 169 2.46 13.13 -4.10
CA VAL A 169 2.56 12.53 -2.77
C VAL A 169 2.60 13.63 -1.76
N HIS A 170 1.70 13.62 -0.79
CA HIS A 170 1.70 14.73 0.16
C HIS A 170 2.99 14.83 0.98
N ARG A 171 3.31 16.05 1.39
CA ARG A 171 4.55 16.33 2.12
C ARG A 171 4.70 15.43 3.34
N GLU A 172 3.67 15.47 4.18
CA GLU A 172 3.66 14.77 5.46
C GLU A 172 4.06 13.32 5.29
N ILE A 173 3.67 12.74 4.16
CA ILE A 173 4.05 11.40 3.81
C ILE A 173 5.58 11.30 3.76
N LEU A 174 6.23 11.98 2.81
CA LEU A 174 7.68 11.88 2.62
C LEU A 174 8.45 12.19 3.90
N TYR A 175 7.92 13.14 4.65
CA TYR A 175 8.44 13.49 5.95
C TYR A 175 8.44 12.27 6.88
N ASN A 176 7.26 11.75 7.19
CA ASN A 176 7.15 10.62 8.12
C ASN A 176 7.91 9.41 7.61
N ASP A 177 8.01 9.33 6.29
CA ASP A 177 8.77 8.28 5.62
C ASP A 177 10.25 8.36 5.95
N ILE A 178 10.78 9.58 6.05
CA ILE A 178 12.20 9.74 6.38
C ILE A 178 12.58 9.70 7.86
N TYR A 179 11.75 10.31 8.70
CA TYR A 179 12.16 10.62 10.07
C TYR A 179 11.40 9.92 11.18
N SER A 180 12.14 9.22 12.00
CA SER A 180 11.55 8.34 12.98
C SER A 180 11.37 9.04 14.29
N GLY A 181 10.14 9.32 14.69
CA GLY A 181 9.91 9.65 16.09
C GLY A 181 10.77 10.78 16.59
N ASP A 182 11.63 10.47 17.54
CA ASP A 182 12.56 11.43 18.13
C ASP A 182 13.45 12.24 17.16
N ASN A 183 13.68 11.73 15.96
CA ASN A 183 14.62 12.34 15.03
C ASN A 183 14.08 13.41 14.12
N GLU A 184 12.84 13.81 14.36
CA GLU A 184 12.18 14.86 13.56
C GLU A 184 13.03 16.13 13.54
N PRO A 185 13.50 16.52 12.35
CA PRO A 185 14.27 17.75 12.12
C PRO A 185 13.37 18.98 12.06
N ALA A 186 13.90 20.14 12.46
CA ALA A 186 13.13 21.38 12.52
C ALA A 186 13.19 22.30 11.29
N THR A 187 14.06 22.00 10.33
CA THR A 187 14.29 22.95 9.22
C THR A 187 14.55 22.38 7.82
N ASN A 188 13.80 22.87 6.83
CA ASN A 188 14.21 22.91 5.42
C ASN A 188 14.63 21.60 4.84
N THR A 189 14.27 20.52 5.51
CA THR A 189 15.01 19.30 5.28
C THR A 189 14.54 18.74 3.96
N LEU A 190 13.22 18.73 3.82
CA LEU A 190 12.52 18.27 2.63
C LEU A 190 13.14 18.86 1.39
N GLU A 191 12.96 20.17 1.23
CA GLU A 191 13.26 20.87 -0.01
C GLU A 191 14.71 20.70 -0.41
N VAL A 192 15.58 20.64 0.59
CA VAL A 192 17.00 20.50 0.34
C VAL A 192 17.27 19.13 -0.22
N HIS A 193 16.82 18.12 0.53
CA HIS A 193 17.05 16.73 0.13
C HIS A 193 16.46 16.43 -1.27
N ILE A 194 15.25 16.94 -1.49
CA ILE A 194 14.59 16.81 -2.79
C ILE A 194 15.41 17.55 -3.85
N HIS A 195 15.95 18.72 -3.50
CA HIS A 195 16.82 19.46 -4.40
C HIS A 195 18.03 18.61 -4.81
N ASN A 196 18.51 17.77 -3.90
CA ASN A 196 19.61 16.86 -4.23
C ASN A 196 19.20 15.69 -5.12
N LEU A 197 18.03 15.11 -4.86
CA LEU A 197 17.54 14.05 -5.75
C LEU A 197 17.41 14.60 -7.15
N ARG A 198 16.84 15.79 -7.21
CA ARG A 198 16.62 16.52 -8.45
C ARG A 198 17.93 16.76 -9.18
N GLU A 199 18.93 17.25 -8.44
CA GLU A 199 20.26 17.56 -8.99
C GLU A 199 20.99 16.29 -9.47
N LYS A 200 20.66 15.15 -8.87
CA LYS A 200 21.03 13.85 -9.44
C LYS A 200 20.26 13.76 -10.75
N ILE A 201 20.98 13.46 -11.84
CA ILE A 201 20.49 13.70 -13.20
C ILE A 201 19.12 13.02 -13.41
N GLY A 202 18.32 13.56 -14.32
CA GLY A 202 16.90 13.23 -14.40
C GLY A 202 15.97 14.39 -14.06
N LYS A 203 16.54 15.52 -13.63
CA LYS A 203 15.79 16.77 -13.47
C LYS A 203 15.36 17.35 -14.85
N SER A 204 14.10 17.79 -14.99
CA SER A 204 13.11 17.77 -13.92
C SER A 204 12.10 16.65 -14.08
N ARG A 205 12.28 15.60 -13.29
CA ARG A 205 11.30 14.52 -13.23
C ARG A 205 10.44 14.62 -11.99
N ILE A 206 10.71 15.62 -11.16
CA ILE A 206 9.92 15.81 -9.96
C ILE A 206 9.23 17.17 -9.97
N ARG A 207 7.92 17.15 -10.07
CA ARG A 207 7.14 18.37 -10.09
C ARG A 207 6.74 18.74 -8.69
N THR A 208 7.11 19.94 -8.28
CA THR A 208 6.66 20.44 -7.00
C THR A 208 5.17 20.78 -7.14
N VAL A 209 4.37 20.33 -6.18
CA VAL A 209 2.96 20.68 -6.16
C VAL A 209 2.65 21.50 -4.93
N ARG A 210 2.41 22.78 -5.12
CA ARG A 210 2.34 23.71 -3.98
C ARG A 210 1.05 23.53 -3.18
N GLY A 211 1.19 23.57 -1.85
CA GLY A 211 0.10 23.26 -0.92
C GLY A 211 0.12 21.80 -0.54
N PHE A 212 1.04 21.06 -1.17
CA PHE A 212 1.08 19.62 -1.14
C PHE A 212 2.54 19.19 -1.15
N GLY A 213 2.78 17.91 -1.42
CA GLY A 213 4.12 17.40 -1.63
C GLY A 213 4.59 17.50 -3.08
N TYR A 214 5.39 16.51 -3.49
CA TYR A 214 6.00 16.48 -4.82
C TYR A 214 5.57 15.23 -5.60
N MET A 215 5.47 15.36 -6.92
CA MET A 215 4.98 14.29 -7.80
C MET A 215 6.11 13.83 -8.72
N LEU A 216 6.01 12.60 -9.22
CA LEU A 216 6.94 12.12 -10.23
C LEU A 216 6.20 11.99 -11.56
N ALA A 217 6.91 12.16 -12.68
CA ALA A 217 6.27 12.11 -13.98
C ALA A 217 6.81 11.00 -14.90
N ASN A 218 5.91 10.15 -15.39
CA ASN A 218 6.23 9.05 -16.32
C ASN A 218 5.97 9.25 -17.82
N ASN A 219 5.42 10.41 -18.18
CA ASN A 219 5.12 10.74 -19.57
C ASN A 219 5.78 12.03 -20.05
N MET B 1 -14.46 -14.99 -5.89
CA MET B 1 -13.33 -14.82 -6.80
C MET B 1 -12.86 -16.13 -7.42
N LYS B 2 -11.83 -16.05 -8.26
CA LYS B 2 -11.36 -17.23 -8.97
C LYS B 2 -9.96 -17.67 -8.54
N ILE B 3 -9.87 -18.76 -7.80
CA ILE B 3 -8.59 -19.33 -7.37
C ILE B 3 -8.09 -20.37 -8.37
N LEU B 4 -6.79 -20.39 -8.63
CA LEU B 4 -6.18 -21.56 -9.27
C LEU B 4 -5.28 -22.27 -8.25
N VAL B 5 -5.38 -23.60 -8.18
CA VAL B 5 -4.57 -24.39 -7.24
C VAL B 5 -3.51 -25.16 -8.03
N ILE B 6 -2.36 -25.41 -7.41
CA ILE B 6 -1.32 -26.18 -8.12
C ILE B 6 -0.70 -27.29 -7.26
N GLU B 7 -0.96 -28.55 -7.62
CA GLU B 7 -0.43 -29.67 -6.83
C GLU B 7 0.01 -30.92 -7.60
N ASP B 8 1.22 -31.40 -7.31
CA ASP B 8 1.75 -32.60 -7.93
C ASP B 8 1.08 -33.85 -7.41
N ASP B 9 0.65 -33.82 -6.15
CA ASP B 9 -0.13 -34.92 -5.60
C ASP B 9 -1.58 -34.75 -6.02
N ALA B 10 -2.17 -35.82 -6.54
CA ALA B 10 -3.50 -35.76 -7.13
C ALA B 10 -4.60 -35.77 -6.06
N LEU B 11 -4.43 -36.65 -5.08
CA LEU B 11 -5.37 -36.78 -3.98
C LEU B 11 -5.50 -35.42 -3.26
N LEU B 12 -4.34 -34.82 -3.01
CA LEU B 12 -4.24 -33.48 -2.42
C LEU B 12 -4.91 -32.42 -3.28
N LEU B 13 -4.52 -32.33 -4.54
CA LEU B 13 -5.07 -31.30 -5.43
C LEU B 13 -6.59 -31.31 -5.46
N GLN B 14 -7.17 -32.50 -5.51
CA GLN B 14 -8.63 -32.54 -5.51
C GLN B 14 -9.16 -32.04 -4.18
N GLY B 15 -8.59 -32.56 -3.08
CA GLY B 15 -8.99 -32.11 -1.75
C GLY B 15 -9.00 -30.60 -1.60
N LEU B 16 -7.98 -29.94 -2.14
CA LEU B 16 -7.91 -28.49 -2.11
C LEU B 16 -9.03 -27.93 -2.97
N ILE B 17 -9.13 -28.31 -4.24
CA ILE B 17 -10.14 -27.70 -5.12
C ILE B 17 -11.50 -27.69 -4.46
N LEU B 18 -11.86 -28.87 -3.98
CA LEU B 18 -13.10 -29.08 -3.27
C LEU B 18 -13.21 -28.21 -2.01
N ALA B 19 -12.14 -28.11 -1.23
CA ALA B 19 -12.20 -27.26 -0.05
C ALA B 19 -12.44 -25.80 -0.44
N MET B 20 -11.72 -25.31 -1.46
CA MET B 20 -11.79 -23.92 -1.93
C MET B 20 -13.18 -23.65 -2.45
N GLN B 21 -13.84 -24.71 -2.89
CA GLN B 21 -15.23 -24.60 -3.27
C GLN B 21 -16.19 -24.58 -2.08
N SER B 22 -15.91 -25.37 -1.04
CA SER B 22 -16.74 -25.39 0.17
C SER B 22 -16.91 -24.00 0.74
N GLU B 23 -15.85 -23.20 0.58
CA GLU B 23 -15.82 -21.81 0.99
C GLU B 23 -16.50 -20.90 -0.04
N GLY B 24 -16.60 -21.38 -1.28
CA GLY B 24 -17.35 -20.65 -2.29
C GLY B 24 -16.57 -19.90 -3.34
N TYR B 25 -15.27 -20.14 -3.43
CA TYR B 25 -14.50 -19.57 -4.53
C TYR B 25 -14.69 -20.44 -5.76
N VAL B 26 -14.90 -19.81 -6.91
CA VAL B 26 -14.80 -20.49 -8.19
C VAL B 26 -13.36 -20.93 -8.33
N CYS B 27 -13.13 -22.22 -8.58
CA CYS B 27 -11.79 -22.75 -8.43
C CYS B 27 -11.38 -23.78 -9.49
N ASP B 28 -10.19 -23.59 -10.07
CA ASP B 28 -9.63 -24.58 -10.99
C ASP B 28 -8.34 -25.11 -10.35
N GLY B 29 -7.84 -26.27 -10.79
CA GLY B 29 -6.56 -26.73 -10.29
C GLY B 29 -5.81 -27.68 -11.21
N VAL B 30 -4.49 -27.73 -11.12
CA VAL B 30 -3.68 -28.52 -12.08
C VAL B 30 -2.40 -29.13 -11.48
N SER B 31 -1.92 -30.24 -12.05
CA SER B 31 -0.65 -30.86 -11.56
C SER B 31 0.63 -30.55 -12.35
N THR B 32 0.51 -29.73 -13.38
CA THR B 32 1.67 -29.41 -14.21
C THR B 32 1.96 -27.92 -14.26
N ALA B 33 3.24 -27.59 -14.34
CA ALA B 33 3.64 -26.21 -14.52
C ALA B 33 3.11 -25.71 -15.86
N HIS B 34 3.26 -26.56 -16.88
CA HIS B 34 2.82 -26.24 -18.22
C HIS B 34 1.35 -25.89 -18.23
N GLU B 35 0.54 -26.79 -17.72
CA GLU B 35 -0.90 -26.61 -17.68
C GLU B 35 -1.26 -25.39 -16.86
N ALA B 36 -0.52 -25.18 -15.79
CA ALA B 36 -0.72 -24.00 -14.96
C ALA B 36 -0.55 -22.76 -15.82
N ALA B 37 0.44 -22.81 -16.71
CA ALA B 37 0.74 -21.68 -17.60
C ALA B 37 -0.42 -21.46 -18.57
N LEU B 38 -0.94 -22.56 -19.10
CA LEU B 38 -2.05 -22.49 -20.05
C LEU B 38 -3.33 -21.92 -19.41
N SER B 39 -3.58 -22.31 -18.16
CA SER B 39 -4.77 -21.87 -17.43
C SER B 39 -4.66 -20.41 -17.00
N LEU B 40 -3.45 -20.00 -16.65
CA LEU B 40 -3.18 -18.60 -16.34
C LEU B 40 -3.42 -17.74 -17.56
N ALA B 41 -2.86 -18.16 -18.69
CA ALA B 41 -3.08 -17.46 -19.94
C ALA B 41 -4.56 -17.49 -20.37
N SER B 42 -5.30 -18.48 -19.88
CA SER B 42 -6.72 -18.62 -20.21
C SER B 42 -7.66 -17.70 -19.41
N ASN B 43 -7.72 -17.93 -18.11
CA ASN B 43 -8.65 -17.23 -17.23
C ASN B 43 -8.02 -16.14 -16.36
N HIS B 44 -8.87 -15.45 -15.61
CA HIS B 44 -8.41 -14.47 -14.63
C HIS B 44 -8.46 -15.07 -13.24
N TYR B 45 -7.36 -14.99 -12.51
CA TYR B 45 -7.34 -15.52 -11.16
C TYR B 45 -6.99 -14.46 -10.11
N SER B 46 -7.82 -14.37 -9.08
CA SER B 46 -7.60 -13.45 -7.97
C SER B 46 -6.54 -13.96 -6.99
N LEU B 47 -6.26 -15.25 -7.00
CA LEU B 47 -5.28 -15.82 -6.08
C LEU B 47 -4.71 -17.09 -6.67
N ILE B 48 -3.43 -17.38 -6.42
CA ILE B 48 -2.85 -18.65 -6.86
C ILE B 48 -2.40 -19.38 -5.60
N VAL B 49 -2.46 -20.71 -5.60
CA VAL B 49 -1.82 -21.53 -4.54
C VAL B 49 -0.70 -22.29 -5.25
N LEU B 50 0.33 -22.74 -4.54
CA LEU B 50 1.42 -23.44 -5.22
C LEU B 50 2.07 -24.58 -4.44
N ASP B 51 2.97 -25.27 -5.14
CA ASP B 51 3.84 -26.28 -4.54
C ASP B 51 5.18 -26.03 -5.19
N LEU B 52 6.25 -26.26 -4.44
CA LEU B 52 7.59 -26.15 -4.98
C LEU B 52 8.00 -27.49 -5.55
N GLY B 53 7.21 -28.51 -5.24
CA GLY B 53 7.51 -29.90 -5.58
C GLY B 53 6.91 -30.39 -6.89
N LEU B 54 6.60 -29.46 -7.78
CA LEU B 54 6.09 -29.78 -9.11
C LEU B 54 7.05 -30.68 -9.90
N PRO B 55 6.50 -31.75 -10.53
CA PRO B 55 7.20 -32.79 -11.30
C PRO B 55 7.81 -32.34 -12.64
N ASP B 56 7.16 -31.45 -13.37
CA ASP B 56 7.71 -30.97 -14.64
C ASP B 56 8.77 -29.87 -14.47
N GLU B 57 8.33 -28.69 -14.06
CA GLU B 57 9.22 -27.56 -13.78
C GLU B 57 9.08 -27.14 -12.32
N ASP B 58 10.20 -26.86 -11.66
CA ASP B 58 10.16 -26.47 -10.25
C ASP B 58 9.35 -25.20 -10.00
N GLY B 59 8.53 -25.24 -8.96
CA GLY B 59 7.59 -24.16 -8.66
C GLY B 59 8.23 -22.80 -8.50
N LEU B 60 9.38 -22.75 -7.84
CA LEU B 60 10.11 -21.51 -7.58
C LEU B 60 10.47 -20.83 -8.89
N HIS B 61 10.83 -21.64 -9.88
CA HIS B 61 11.18 -21.14 -11.20
C HIS B 61 9.94 -20.67 -11.93
N PHE B 62 8.83 -21.35 -11.69
CA PHE B 62 7.58 -20.93 -12.29
C PHE B 62 7.11 -19.59 -11.71
N LEU B 63 7.39 -19.34 -10.44
CA LEU B 63 6.98 -18.10 -9.82
C LEU B 63 7.91 -17.00 -10.28
N SER B 64 9.19 -17.35 -10.34
CA SER B 64 10.24 -16.49 -10.87
C SER B 64 9.79 -15.96 -12.21
N ARG B 65 9.38 -16.87 -13.09
CA ARG B 65 8.90 -16.49 -14.41
C ARG B 65 7.59 -15.69 -14.36
N MET B 66 6.57 -16.25 -13.70
CA MET B 66 5.23 -15.65 -13.65
C MET B 66 5.19 -14.14 -13.39
N ARG B 67 5.89 -13.71 -12.36
CA ARG B 67 6.11 -12.28 -12.11
C ARG B 67 7.15 -11.56 -13.03
N ARG B 68 8.10 -12.35 -13.50
CA ARG B 68 9.10 -11.88 -14.46
C ARG B 68 8.27 -11.59 -15.71
N GLU B 69 7.24 -12.42 -15.92
CA GLU B 69 6.33 -12.31 -17.06
C GLU B 69 5.32 -11.23 -16.73
N LYS B 70 5.52 -10.61 -15.58
CA LYS B 70 4.73 -9.46 -15.14
C LYS B 70 3.28 -9.81 -14.84
N MET B 71 3.04 -11.06 -14.44
CA MET B 71 1.74 -11.45 -13.91
C MET B 71 1.82 -11.30 -12.40
N THR B 72 1.14 -10.28 -11.88
CA THR B 72 1.21 -9.99 -10.46
C THR B 72 -0.13 -10.23 -9.80
N GLN B 73 -0.19 -11.33 -9.06
CA GLN B 73 -1.40 -11.78 -8.43
C GLN B 73 -0.85 -12.28 -7.12
N PRO B 74 -1.68 -12.33 -6.07
CA PRO B 74 -1.18 -12.94 -4.84
C PRO B 74 -0.91 -14.43 -5.01
N VAL B 75 0.26 -14.89 -4.59
CA VAL B 75 0.66 -16.28 -4.73
C VAL B 75 0.95 -16.89 -3.36
N LEU B 76 0.07 -17.78 -2.88
CA LEU B 76 0.35 -18.46 -1.62
C LEU B 76 1.18 -19.68 -1.92
N ILE B 77 2.16 -19.99 -1.10
CA ILE B 77 2.90 -21.21 -1.36
C ILE B 77 2.52 -22.23 -0.29
N LEU B 78 2.16 -23.44 -0.72
CA LEU B 78 1.82 -24.52 0.22
C LEU B 78 2.78 -25.67 -0.06
N THR B 79 3.75 -25.89 0.81
CA THR B 79 4.83 -26.77 0.40
C THR B 79 5.41 -27.67 1.46
N ALA B 80 6.13 -28.67 0.99
CA ALA B 80 6.76 -29.66 1.84
C ALA B 80 8.07 -29.13 2.36
N ARG B 81 8.55 -28.03 1.79
CA ARG B 81 9.88 -27.53 2.18
C ARG B 81 9.77 -26.49 3.28
N ASP B 82 10.10 -26.94 4.47
CA ASP B 82 9.98 -26.15 5.68
C ASP B 82 11.32 -25.59 6.08
N THR B 83 12.32 -25.84 5.25
CA THR B 83 13.65 -25.28 5.45
C THR B 83 13.55 -23.76 5.58
N LEU B 84 14.27 -23.18 6.55
CA LEU B 84 14.19 -21.74 6.76
C LEU B 84 14.46 -20.99 5.46
N GLU B 85 15.58 -21.29 4.82
CA GLU B 85 15.94 -20.65 3.56
C GLU B 85 14.85 -20.76 2.52
N ASP B 86 14.05 -21.82 2.58
CA ASP B 86 12.97 -22.02 1.61
C ASP B 86 11.84 -21.02 1.84
N ARG B 87 11.44 -20.88 3.10
CA ARG B 87 10.47 -19.86 3.45
C ARG B 87 10.99 -18.51 2.96
N ILE B 88 12.22 -18.19 3.35
CA ILE B 88 12.82 -16.92 2.99
C ILE B 88 12.74 -16.71 1.47
N SER B 89 13.49 -17.52 0.73
CA SER B 89 13.62 -17.39 -0.73
C SER B 89 12.30 -17.38 -1.47
N GLY B 90 11.36 -18.20 -1.01
CA GLY B 90 10.04 -18.16 -1.60
C GLY B 90 9.42 -16.80 -1.40
N LEU B 91 9.34 -16.39 -0.15
CA LEU B 91 8.77 -15.11 0.20
C LEU B 91 9.44 -13.98 -0.60
N ASP B 92 10.71 -14.15 -0.96
CA ASP B 92 11.45 -13.13 -1.71
C ASP B 92 11.32 -13.26 -3.23
N THR B 93 10.75 -14.38 -3.68
CA THR B 93 10.59 -14.63 -5.11
C THR B 93 9.25 -14.08 -5.60
N GLY B 94 8.57 -13.31 -4.73
CA GLY B 94 7.30 -12.72 -5.10
C GLY B 94 6.14 -13.44 -4.46
N ALA B 95 6.44 -14.22 -3.43
CA ALA B 95 5.43 -15.02 -2.75
C ALA B 95 4.84 -14.37 -1.49
N ASP B 96 3.53 -14.11 -1.50
CA ASP B 96 2.89 -13.30 -0.46
C ASP B 96 2.52 -14.02 0.82
N ASP B 97 2.63 -15.35 0.82
CA ASP B 97 2.61 -16.12 2.07
C ASP B 97 3.26 -17.48 1.85
N TYR B 98 3.68 -18.10 2.94
CA TYR B 98 4.29 -19.42 2.86
C TYR B 98 3.76 -20.30 3.97
N LEU B 99 3.12 -21.40 3.57
CA LEU B 99 2.46 -22.31 4.48
C LEU B 99 3.06 -23.70 4.29
N VAL B 100 3.66 -24.16 5.37
CA VAL B 100 4.37 -25.42 5.37
C VAL B 100 3.37 -26.60 5.42
N LYS B 101 3.62 -27.64 4.61
CA LYS B 101 2.95 -28.93 4.77
C LYS B 101 3.84 -29.73 5.71
N PRO B 102 3.27 -30.39 6.72
CA PRO B 102 1.84 -30.64 7.00
C PRO B 102 1.11 -29.42 7.50
N PHE B 103 -0.16 -29.24 7.13
CA PHE B 103 -0.87 -28.02 7.51
C PHE B 103 -2.31 -28.29 7.88
N ALA B 104 -2.93 -27.35 8.60
CA ALA B 104 -4.38 -27.43 8.85
C ALA B 104 -5.19 -26.61 7.84
N LEU B 105 -6.32 -27.16 7.40
CA LEU B 105 -7.10 -26.55 6.32
C LEU B 105 -7.73 -25.22 6.71
N GLU B 106 -8.14 -25.08 7.97
CA GLU B 106 -8.81 -23.85 8.37
C GLU B 106 -7.86 -22.64 8.44
N GLU B 107 -6.59 -22.94 8.76
CA GLU B 107 -5.54 -21.95 8.64
C GLU B 107 -5.43 -21.52 7.20
N LEU B 108 -5.18 -22.45 6.28
CA LEU B 108 -5.06 -22.10 4.87
C LEU B 108 -6.25 -21.29 4.37
N ASN B 109 -7.43 -21.61 4.87
CA ASN B 109 -8.63 -20.87 4.51
C ASN B 109 -8.54 -19.45 5.05
N ALA B 110 -7.98 -19.29 6.25
CA ALA B 110 -7.82 -17.94 6.81
C ALA B 110 -6.75 -17.11 6.10
N ARG B 111 -5.56 -17.67 5.90
CA ARG B 111 -4.49 -16.97 5.18
C ARG B 111 -4.95 -16.53 3.80
N ILE B 112 -5.65 -17.42 3.09
CA ILE B 112 -6.25 -17.04 1.81
C ILE B 112 -7.28 -15.92 2.00
N ARG B 113 -8.11 -16.05 3.03
CA ARG B 113 -9.11 -15.03 3.33
C ARG B 113 -8.50 -13.63 3.51
N ALA B 114 -7.40 -13.56 4.25
CA ALA B 114 -6.73 -12.31 4.57
C ALA B 114 -6.05 -11.73 3.33
N LEU B 115 -5.36 -12.61 2.61
CA LEU B 115 -4.71 -12.24 1.35
C LEU B 115 -5.71 -11.61 0.38
N LEU B 116 -6.91 -12.18 0.36
CA LEU B 116 -7.91 -11.71 -0.58
C LEU B 116 -8.58 -10.45 -0.09
N ARG B 117 -8.73 -10.29 1.23
CA ARG B 117 -9.36 -9.07 1.73
C ARG B 117 -8.44 -7.87 1.41
N ARG B 118 -7.13 -8.07 1.57
CA ARG B 118 -6.16 -7.05 1.18
C ARG B 118 -6.20 -6.80 -0.33
N HIS B 119 -6.24 -7.87 -1.11
CA HIS B 119 -6.32 -7.74 -2.57
C HIS B 119 -7.59 -6.99 -3.03
N ASN B 120 -8.65 -7.10 -2.22
CA ASN B 120 -10.02 -6.81 -2.66
C ASN B 120 -10.33 -5.33 -2.89
N ASN B 121 -10.26 -4.51 -1.85
CA ASN B 121 -10.44 -3.09 -2.12
C ASN B 121 -9.08 -2.40 -2.19
N GLN B 122 -8.64 -2.24 -3.43
CA GLN B 122 -7.57 -1.33 -3.82
C GLN B 122 -8.21 -0.11 -4.45
N GLY B 123 -9.54 -0.11 -4.48
CA GLY B 123 -10.33 0.88 -5.20
C GLY B 123 -10.11 2.32 -4.81
N ASP B 124 -9.96 3.18 -5.80
CA ASP B 124 -9.77 4.61 -5.58
C ASP B 124 -11.09 5.36 -5.54
N ASN B 125 -11.36 6.06 -4.44
CA ASN B 125 -12.54 6.90 -4.36
C ASN B 125 -12.50 7.88 -5.54
N GLU B 126 -13.55 7.86 -6.35
CA GLU B 126 -13.57 8.63 -7.60
C GLU B 126 -14.91 9.34 -7.81
N ILE B 127 -14.85 10.55 -8.37
CA ILE B 127 -16.08 11.27 -8.72
C ILE B 127 -15.92 11.89 -10.10
N SER B 128 -16.75 11.47 -11.06
CA SER B 128 -16.71 12.10 -12.38
C SER B 128 -18.08 12.57 -12.88
N VAL B 129 -18.22 13.88 -13.05
CA VAL B 129 -19.40 14.45 -13.68
C VAL B 129 -18.95 15.25 -14.90
N GLY B 130 -19.33 14.79 -16.09
CA GLY B 130 -18.91 15.42 -17.33
C GLY B 130 -17.57 14.92 -17.82
N ASN B 131 -16.85 15.80 -18.51
CA ASN B 131 -15.46 15.55 -18.89
C ASN B 131 -14.61 15.30 -17.66
N LEU B 132 -14.93 16.04 -16.59
CA LEU B 132 -14.12 16.01 -15.37
C LEU B 132 -14.17 14.67 -14.66
N ARG B 133 -12.99 14.11 -14.44
CA ARG B 133 -12.82 12.98 -13.54
C ARG B 133 -11.90 13.44 -12.41
N LEU B 134 -12.51 13.56 -11.23
CA LEU B 134 -11.83 13.99 -10.02
C LEU B 134 -11.45 12.74 -9.22
N ASN B 135 -10.17 12.66 -8.87
CA ASN B 135 -9.67 11.54 -8.07
C ASN B 135 -9.41 12.02 -6.65
N VAL B 136 -10.28 11.61 -5.73
CA VAL B 136 -10.17 12.03 -4.33
C VAL B 136 -8.90 11.45 -3.72
N THR B 137 -8.56 10.23 -4.16
CA THR B 137 -7.40 9.51 -3.65
C THR B 137 -6.06 9.96 -4.28
N ARG B 138 -6.04 10.16 -5.59
CA ARG B 138 -4.80 10.48 -6.28
C ARG B 138 -4.47 11.97 -6.30
N ARG B 139 -5.45 12.79 -5.90
CA ARG B 139 -5.41 14.25 -6.08
C ARG B 139 -5.10 14.62 -7.54
N LEU B 140 -5.70 13.87 -8.47
CA LEU B 140 -5.58 14.15 -9.90
C LEU B 140 -6.95 14.44 -10.51
N VAL B 141 -7.06 15.57 -11.23
CA VAL B 141 -8.28 15.90 -11.96
C VAL B 141 -8.01 15.90 -13.45
N TRP B 142 -9.00 15.46 -14.21
CA TRP B 142 -8.87 15.33 -15.65
C TRP B 142 -10.06 15.93 -16.39
N LEU B 143 -9.85 16.99 -17.18
CA LEU B 143 -10.87 17.38 -18.13
C LEU B 143 -10.63 16.34 -19.22
N GLY B 144 -11.59 15.45 -19.41
CA GLY B 144 -11.27 14.15 -19.99
C GLY B 144 -10.82 14.14 -21.44
N GLU B 145 -9.63 13.61 -21.69
CA GLU B 145 -8.67 13.25 -20.64
C GLU B 145 -7.37 14.08 -20.76
N THR B 146 -7.18 15.01 -19.84
CA THR B 146 -6.02 15.93 -19.83
C THR B 146 -5.76 16.47 -18.42
N ALA B 147 -4.53 16.97 -18.18
CA ALA B 147 -4.13 17.44 -16.85
C ALA B 147 -4.79 18.75 -16.43
N LEU B 148 -5.16 18.85 -15.15
CA LEU B 148 -5.69 20.11 -14.61
C LEU B 148 -4.79 20.67 -13.50
N ASP B 149 -4.16 21.81 -13.77
CA ASP B 149 -3.36 22.45 -12.74
C ASP B 149 -4.32 23.01 -11.70
N LEU B 150 -4.20 22.55 -10.46
CA LEU B 150 -5.06 23.08 -9.42
C LEU B 150 -4.27 23.52 -8.19
N THR B 151 -4.34 24.82 -7.91
CA THR B 151 -3.87 25.32 -6.64
C THR B 151 -4.83 24.77 -5.60
N PRO B 152 -4.35 24.56 -4.36
CA PRO B 152 -5.13 23.92 -3.29
C PRO B 152 -6.53 24.49 -3.09
N LYS B 153 -6.68 25.81 -3.26
CA LYS B 153 -7.99 26.49 -3.17
C LYS B 153 -8.91 26.01 -4.31
N GLU B 154 -8.36 26.03 -5.52
CA GLU B 154 -9.05 25.54 -6.72
C GLU B 154 -9.52 24.09 -6.55
N TYR B 155 -8.62 23.22 -6.11
CA TYR B 155 -8.94 21.81 -5.88
C TYR B 155 -10.01 21.63 -4.79
N ALA B 156 -9.92 22.43 -3.73
CA ALA B 156 -10.89 22.32 -2.64
C ALA B 156 -12.29 22.70 -3.09
N LEU B 157 -12.40 23.78 -3.86
CA LEU B 157 -13.69 24.18 -4.39
C LEU B 157 -14.23 23.15 -5.39
N LEU B 158 -13.36 22.70 -6.30
CA LEU B 158 -13.75 21.72 -7.32
C LEU B 158 -14.27 20.43 -6.71
N SER B 159 -13.62 19.95 -5.65
CA SER B 159 -14.03 18.68 -5.03
C SER B 159 -15.24 18.85 -4.11
N ARG B 160 -15.37 20.02 -3.48
CA ARG B 160 -16.57 20.30 -2.70
C ARG B 160 -17.80 20.36 -3.61
N LEU B 161 -17.64 21.00 -4.78
CA LEU B 161 -18.72 21.14 -5.74
C LEU B 161 -18.88 19.90 -6.62
N MET B 162 -17.88 19.03 -6.61
CA MET B 162 -17.93 17.76 -7.32
C MET B 162 -18.69 16.75 -6.48
N MET B 163 -18.39 16.74 -5.19
CA MET B 163 -19.03 15.85 -4.22
C MET B 163 -20.53 16.16 -4.11
N LYS B 164 -20.86 17.44 -4.13
CA LYS B 164 -22.25 17.89 -4.04
C LYS B 164 -22.89 18.17 -5.42
N ALA B 165 -22.17 17.81 -6.49
CA ALA B 165 -22.48 18.29 -7.85
C ALA B 165 -23.94 18.19 -8.31
N GLY B 166 -24.47 19.33 -8.75
CA GLY B 166 -25.83 19.40 -9.28
C GLY B 166 -26.90 19.94 -8.37
N SER B 167 -26.68 19.84 -7.06
CA SER B 167 -27.53 20.52 -6.08
C SER B 167 -26.72 21.69 -5.53
N PRO B 168 -27.24 22.92 -5.68
CA PRO B 168 -26.49 24.14 -5.38
C PRO B 168 -25.91 24.16 -3.96
N VAL B 169 -24.62 24.41 -3.87
CA VAL B 169 -23.94 24.50 -2.58
C VAL B 169 -24.07 25.93 -2.06
N HIS B 170 -24.44 26.06 -0.79
CA HIS B 170 -24.57 27.39 -0.19
C HIS B 170 -23.21 28.09 -0.11
N ARG B 171 -23.23 29.41 -0.03
CA ARG B 171 -22.03 30.23 -0.10
C ARG B 171 -21.08 30.02 1.08
N GLU B 172 -21.66 29.87 2.28
CA GLU B 172 -20.87 29.74 3.51
C GLU B 172 -20.08 28.43 3.54
N ILE B 173 -20.69 27.37 3.02
CA ILE B 173 -20.06 26.06 2.83
C ILE B 173 -18.78 26.17 2.00
N LEU B 174 -18.84 26.86 0.86
CA LEU B 174 -17.69 27.06 -0.02
C LEU B 174 -16.65 27.98 0.61
N TYR B 175 -17.12 29.02 1.30
CA TYR B 175 -16.22 29.98 1.95
C TYR B 175 -15.36 29.24 2.98
N ASN B 176 -16.02 28.56 3.92
CA ASN B 176 -15.34 27.81 4.97
C ASN B 176 -14.46 26.66 4.42
N ASP B 177 -14.86 26.13 3.26
CA ASP B 177 -14.17 25.02 2.59
C ASP B 177 -12.78 25.46 2.12
N ILE B 178 -12.52 26.75 2.23
CA ILE B 178 -11.28 27.33 1.72
C ILE B 178 -10.34 27.91 2.81
N TYR B 179 -10.82 28.88 3.58
CA TYR B 179 -10.00 29.47 4.64
C TYR B 179 -10.47 29.09 6.04
N SER B 180 -9.59 28.42 6.78
CA SER B 180 -9.91 28.00 8.14
C SER B 180 -9.48 29.04 9.18
N GLY B 181 -10.40 29.40 10.07
CA GLY B 181 -10.10 30.23 11.22
C GLY B 181 -9.67 31.66 10.93
N ASP B 182 -8.50 32.03 11.48
CA ASP B 182 -7.93 33.38 11.34
C ASP B 182 -7.67 33.76 9.88
N ASN B 183 -7.54 32.75 9.01
CA ASN B 183 -7.22 32.94 7.59
C ASN B 183 -8.28 33.69 6.78
N GLU B 184 -9.44 33.94 7.40
CA GLU B 184 -10.60 34.52 6.72
C GLU B 184 -10.32 35.88 6.05
N PRO B 185 -10.46 35.93 4.71
CA PRO B 185 -10.26 37.13 3.87
C PRO B 185 -11.44 38.10 3.87
N ALA B 186 -11.13 39.38 3.63
CA ALA B 186 -12.13 40.43 3.64
C ALA B 186 -12.96 40.57 2.35
N THR B 187 -12.31 40.47 1.19
CA THR B 187 -13.02 40.74 -0.04
C THR B 187 -12.72 39.88 -1.26
N ASN B 188 -13.78 39.46 -1.92
CA ASN B 188 -13.78 39.09 -3.32
C ASN B 188 -12.77 38.04 -3.80
N THR B 189 -12.54 36.97 -3.04
CA THR B 189 -11.71 35.91 -3.60
C THR B 189 -12.51 34.69 -3.97
N LEU B 190 -13.67 34.54 -3.35
CA LEU B 190 -14.58 33.46 -3.70
C LEU B 190 -14.86 33.61 -5.19
N GLU B 191 -15.29 34.81 -5.57
CA GLU B 191 -15.57 35.16 -6.97
C GLU B 191 -14.36 35.02 -7.88
N VAL B 192 -13.18 35.39 -7.35
CA VAL B 192 -11.94 35.34 -8.13
C VAL B 192 -11.57 33.91 -8.51
N HIS B 193 -11.65 33.02 -7.52
CA HIS B 193 -11.29 31.63 -7.76
C HIS B 193 -12.40 30.85 -8.47
N ILE B 194 -13.66 31.20 -8.23
CA ILE B 194 -14.74 30.60 -9.01
C ILE B 194 -14.53 30.99 -10.47
N HIS B 195 -14.17 32.26 -10.68
CA HIS B 195 -13.81 32.76 -12.01
C HIS B 195 -12.69 31.92 -12.62
N ASN B 196 -11.63 31.68 -11.84
CA ASN B 196 -10.51 30.86 -12.31
C ASN B 196 -10.85 29.41 -12.68
N LEU B 197 -11.68 28.78 -11.86
CA LEU B 197 -12.22 27.46 -12.16
C LEU B 197 -12.93 27.48 -13.50
N ARG B 198 -13.84 28.46 -13.66
CA ARG B 198 -14.58 28.61 -14.90
C ARG B 198 -13.65 28.79 -16.11
N GLU B 199 -12.47 29.34 -15.85
CA GLU B 199 -11.49 29.69 -16.88
C GLU B 199 -10.56 28.52 -17.22
N LYS B 200 -10.87 27.35 -16.66
CA LYS B 200 -10.10 26.14 -16.88
C LYS B 200 -10.08 25.66 -18.35
N ILE B 201 -10.82 26.32 -19.23
CA ILE B 201 -10.99 25.86 -20.61
C ILE B 201 -12.09 24.80 -20.70
N GLY B 202 -12.73 24.55 -19.57
CA GLY B 202 -13.87 23.65 -19.43
C GLY B 202 -15.23 24.32 -19.47
N LYS B 203 -15.27 25.53 -20.05
CA LYS B 203 -16.49 26.17 -20.55
C LYS B 203 -17.60 26.51 -19.54
N SER B 204 -17.22 26.83 -18.30
CA SER B 204 -18.18 27.23 -17.26
C SER B 204 -19.29 26.21 -16.99
N ARG B 205 -18.90 25.05 -16.44
CA ARG B 205 -19.83 24.06 -15.93
C ARG B 205 -20.40 24.50 -14.58
N ILE B 206 -19.86 25.59 -14.04
CA ILE B 206 -20.44 26.21 -12.87
C ILE B 206 -21.55 27.15 -13.27
N ARG B 207 -22.75 26.88 -12.76
CA ARG B 207 -23.83 27.83 -12.87
C ARG B 207 -23.88 28.66 -11.58
N THR B 208 -23.95 29.97 -11.73
CA THR B 208 -23.98 30.86 -10.56
C THR B 208 -25.34 30.81 -9.84
N VAL B 209 -25.31 30.52 -8.54
CA VAL B 209 -26.54 30.59 -7.73
C VAL B 209 -26.73 32.03 -7.29
N ARG B 210 -27.85 32.59 -7.71
CA ARG B 210 -28.06 34.02 -7.57
C ARG B 210 -28.18 34.41 -6.10
N GLY B 211 -28.97 33.65 -5.34
CA GLY B 211 -29.24 34.00 -3.96
C GLY B 211 -28.02 33.93 -3.07
N PHE B 212 -27.42 32.74 -2.97
CA PHE B 212 -26.09 32.56 -2.41
C PHE B 212 -25.43 31.30 -2.96
N GLY B 213 -24.13 31.36 -3.21
CA GLY B 213 -23.36 30.18 -3.61
C GLY B 213 -23.20 29.91 -5.09
N TYR B 214 -22.77 28.69 -5.43
CA TYR B 214 -22.52 28.27 -6.82
C TYR B 214 -22.82 26.78 -6.99
N MET B 215 -23.04 26.36 -8.23
CA MET B 215 -23.40 24.97 -8.51
C MET B 215 -22.64 24.41 -9.72
N LEU B 216 -22.64 23.09 -9.85
CA LEU B 216 -21.91 22.41 -10.91
C LEU B 216 -22.87 21.78 -11.93
N ALA B 217 -22.42 21.67 -13.18
CA ALA B 217 -23.19 21.01 -14.25
C ALA B 217 -23.34 19.52 -14.00
N ASN B 218 -24.35 18.91 -14.63
CA ASN B 218 -24.66 17.48 -14.43
C ASN B 218 -24.60 16.63 -15.69
N ASN B 219 -25.50 16.92 -16.62
CA ASN B 219 -25.56 16.22 -17.89
C ASN B 219 -26.10 17.12 -18.99
BE BEF E . 3.51 -11.41 23.37
F1 BEF E . 3.93 -11.81 24.80
F2 BEF E . 2.15 -12.12 23.06
F3 BEF E . 4.56 -12.05 22.45
MG MG F . 3.78 -9.39 25.21
BE BEF G . 5.38 -30.63 -2.49
F1 BEF G . 6.27 -29.63 -1.72
F2 BEF G . 6.14 -32.00 -2.62
F3 BEF G . 4.16 -30.95 -1.59
MG MG H . 4.96 -31.96 -4.82
#